data_7EJN
#
_entry.id   7EJN
#
_cell.length_a   66.702
_cell.length_b   77.716
_cell.length_c   87.948
_cell.angle_alpha   90.000
_cell.angle_beta   90.000
_cell.angle_gamma   90.000
#
_symmetry.space_group_name_H-M   'P 21 21 21'
#
loop_
_entity.id
_entity.type
_entity.pdbx_description
1 polymer 'MHC class I antigen'
2 polymer Beta-2-microglobulin
3 polymer '9-mer peptide from the HCoV spike protein'
4 water water
#
loop_
_entity_poly.entity_id
_entity_poly.type
_entity_poly.pdbx_seq_one_letter_code
_entity_poly.pdbx_strand_id
1 'polypeptide(L)'
;GSSGSSGGSHSMRYFSTSVSRPGRGEPRFIAVGYVDDTQFVRFDSDAASQRMEPRAPWIEQEGPEYWDEETGKVKAHSQT
DRENLRIALRYYNQSEAGSHTLQMMFGCDVGSDGRFLRGYHQYAYDGKDYIALKEDLRSWTAADMAAQITKRKWEAAHVA
EQQRAYLEGTCVDGLRRYLENGKETLQRTDPPKTHMTHHPISDHEATLRCWALGFYPAEITLTWQRDGEDQTQDTELVET
RPAGDGTFQKWAAVVVPSGEEQRYTCHVQHEGLPKPLTLRW
;
A
2 'polypeptide(L)'
;GSSGSSGIQRTPKIQVYSRHPAENGKSNFLNCYVSGFHPSDIEVDLLKNGERIEKVEHSDLSFSKDWSFYLLYYTEFTPT
EKDEYACRVNHVTLSQPKIVKWDRDM
;
B
3 'polypeptide(L)' MYVKWPWYV C
#
# COMPACT_ATOMS: atom_id res chain seq x y z
N GLY A 8 18.93 4.04 -10.66
CA GLY A 8 18.31 3.01 -9.84
C GLY A 8 17.59 1.95 -10.65
N SER A 9 17.07 0.96 -9.94
CA SER A 9 16.32 -0.15 -10.52
C SER A 9 14.83 0.18 -10.57
N HIS A 10 14.03 -0.72 -11.13
CA HIS A 10 12.57 -0.57 -11.16
C HIS A 10 11.89 -1.89 -10.86
N SER A 11 10.61 -1.80 -10.47
CA SER A 11 9.83 -2.97 -10.13
C SER A 11 8.44 -2.89 -10.75
N MET A 12 7.87 -4.05 -11.01
CA MET A 12 6.46 -4.23 -11.30
C MET A 12 5.89 -5.24 -10.31
N ARG A 13 4.68 -4.94 -9.80
CA ARG A 13 4.04 -5.80 -8.82
C ARG A 13 2.54 -5.79 -9.07
N TYR A 14 1.94 -6.96 -8.91
CA TYR A 14 0.50 -7.13 -8.82
C TYR A 14 0.17 -7.65 -7.42
N PHE A 15 -0.83 -7.03 -6.78
CA PHE A 15 -1.35 -7.44 -5.47
C PHE A 15 -2.80 -7.82 -5.62
N SER A 16 -3.15 -9.05 -5.25
CA SER A 16 -4.54 -9.48 -5.35
C SER A 16 -5.03 -9.94 -3.98
N THR A 17 -6.29 -9.61 -3.68
CA THR A 17 -6.93 -9.95 -2.42
C THR A 17 -8.27 -10.62 -2.68
N SER A 18 -8.51 -11.76 -2.05
CA SER A 18 -9.81 -12.42 -2.05
C SER A 18 -10.33 -12.54 -0.62
N VAL A 19 -11.59 -12.18 -0.40
CA VAL A 19 -12.19 -12.06 0.92
C VAL A 19 -13.52 -12.80 0.93
N SER A 20 -13.63 -13.89 1.69
CA SER A 20 -14.91 -14.59 1.71
C SER A 20 -15.90 -13.83 2.60
N ARG A 21 -17.18 -13.93 2.24
CA ARG A 21 -18.26 -13.25 2.98
C ARG A 21 -19.43 -14.23 3.11
N PRO A 22 -19.36 -15.15 4.06
CA PRO A 22 -20.38 -16.20 4.15
C PRO A 22 -21.75 -15.62 4.46
N GLY A 23 -22.75 -16.12 3.74
CA GLY A 23 -24.09 -15.60 3.88
C GLY A 23 -24.35 -14.37 3.04
N ARG A 24 -23.34 -13.87 2.34
CA ARG A 24 -23.52 -12.74 1.44
C ARG A 24 -22.88 -13.03 0.09
N GLY A 25 -23.05 -14.25 -0.39
CA GLY A 25 -22.60 -14.58 -1.72
C GLY A 25 -21.16 -15.02 -1.71
N GLU A 26 -20.51 -14.84 -2.89
CA GLU A 26 -19.21 -15.36 -3.29
C GLU A 26 -18.09 -14.37 -2.97
N PRO A 27 -16.86 -14.84 -2.80
CA PRO A 27 -15.80 -13.95 -2.34
C PRO A 27 -15.55 -12.80 -3.32
N ARG A 28 -15.23 -11.65 -2.76
CA ARG A 28 -14.86 -10.50 -3.58
C ARG A 28 -13.37 -10.54 -3.88
N PHE A 29 -13.02 -10.20 -5.13
CA PHE A 29 -11.63 -10.27 -5.60
C PHE A 29 -11.22 -8.89 -6.11
N ILE A 30 -10.16 -8.35 -5.54
CA ILE A 30 -9.57 -7.09 -6.00
C ILE A 30 -8.12 -7.36 -6.38
N ALA A 31 -7.70 -6.80 -7.53
CA ALA A 31 -6.33 -6.88 -8.02
C ALA A 31 -5.92 -5.49 -8.48
N VAL A 32 -4.66 -5.12 -8.20
CA VAL A 32 -4.09 -3.85 -8.60
C VAL A 32 -2.68 -4.09 -9.13
N GLY A 33 -2.29 -3.27 -10.09
CA GLY A 33 -0.96 -3.36 -10.68
C GLY A 33 -0.20 -2.09 -10.44
N TYR A 34 1.10 -2.23 -10.16
CA TYR A 34 2.00 -1.14 -9.85
C TYR A 34 3.28 -1.24 -10.66
N VAL A 35 3.82 -0.10 -11.07
CA VAL A 35 5.22 0.02 -11.46
C VAL A 35 5.87 0.96 -10.48
N ASP A 36 6.87 0.48 -9.75
CA ASP A 36 7.40 1.24 -8.62
C ASP A 36 6.25 1.63 -7.72
N ASP A 37 6.09 2.92 -7.42
CA ASP A 37 4.99 3.37 -6.56
C ASP A 37 3.87 4.06 -7.35
N THR A 38 3.65 3.66 -8.60
CA THR A 38 2.61 4.25 -9.46
C THR A 38 1.64 3.15 -9.87
N GLN A 39 0.41 3.17 -9.34
CA GLN A 39 -0.59 2.21 -9.79
C GLN A 39 -0.97 2.47 -11.25
N PHE A 40 -1.21 1.39 -12.02
CA PHE A 40 -1.62 1.56 -13.41
C PHE A 40 -2.82 0.72 -13.86
N VAL A 41 -3.20 -0.35 -13.14
CA VAL A 41 -4.40 -1.11 -13.48
C VAL A 41 -5.10 -1.56 -12.21
N ARG A 42 -6.40 -1.85 -12.35
CA ARG A 42 -7.21 -2.45 -11.30
C ARG A 42 -8.21 -3.41 -11.91
N PHE A 43 -8.67 -4.37 -11.09
CA PHE A 43 -9.81 -5.23 -11.40
C PHE A 43 -10.58 -5.49 -10.12
N ASP A 44 -11.90 -5.27 -10.17
CA ASP A 44 -12.78 -5.49 -9.02
C ASP A 44 -13.93 -6.39 -9.47
N SER A 45 -13.95 -7.63 -8.96
CA SER A 45 -14.96 -8.61 -9.33
C SER A 45 -16.38 -8.16 -9.00
N ASP A 46 -16.55 -7.21 -8.09
CA ASP A 46 -17.88 -6.67 -7.77
C ASP A 46 -18.30 -5.51 -8.66
N ALA A 47 -17.39 -4.93 -9.44
CA ALA A 47 -17.71 -3.80 -10.30
C ALA A 47 -18.47 -4.25 -11.55
N ALA A 48 -19.07 -3.27 -12.24
CA ALA A 48 -19.98 -3.58 -13.35
C ALA A 48 -19.24 -3.87 -14.65
N SER A 49 -18.09 -3.25 -14.89
CA SER A 49 -17.41 -3.43 -16.17
C SER A 49 -16.96 -4.87 -16.40
N GLN A 50 -16.53 -5.58 -15.35
CA GLN A 50 -15.92 -6.90 -15.48
C GLN A 50 -14.72 -6.87 -16.43
N ARG A 51 -13.96 -5.77 -16.42
CA ARG A 51 -12.77 -5.62 -17.23
C ARG A 51 -11.60 -5.22 -16.35
N MET A 52 -10.40 -5.52 -16.81
CA MET A 52 -9.22 -4.82 -16.31
C MET A 52 -9.31 -3.37 -16.77
N GLU A 53 -9.08 -2.42 -15.85
CA GLU A 53 -9.25 -1.02 -16.18
C GLU A 53 -7.96 -0.23 -15.97
N PRO A 54 -7.73 0.80 -16.77
CA PRO A 54 -6.51 1.61 -16.62
C PRO A 54 -6.61 2.55 -15.43
N ARG A 55 -5.46 2.85 -14.84
CA ARG A 55 -5.43 3.73 -13.67
C ARG A 55 -4.26 4.70 -13.70
N ALA A 56 -3.50 4.74 -14.79
CA ALA A 56 -2.50 5.75 -15.10
C ALA A 56 -2.74 6.26 -16.52
N PRO A 57 -2.36 7.51 -16.80
CA PRO A 57 -2.45 7.99 -18.20
C PRO A 57 -1.68 7.13 -19.18
N TRP A 58 -0.41 6.81 -18.89
CA TRP A 58 0.46 6.19 -19.89
C TRP A 58 0.09 4.77 -20.27
N ILE A 59 -0.92 4.16 -19.64
CA ILE A 59 -1.34 2.81 -20.02
C ILE A 59 -2.58 2.83 -20.91
N GLU A 60 -3.28 3.96 -21.00
CA GLU A 60 -4.48 4.01 -21.84
C GLU A 60 -4.14 3.79 -23.32
N GLN A 61 -2.93 4.16 -23.75
CA GLN A 61 -2.60 4.03 -25.17
C GLN A 61 -2.65 2.57 -25.64
N GLU A 62 -2.78 1.62 -24.72
CA GLU A 62 -2.80 0.20 -25.08
C GLU A 62 -4.09 -0.17 -25.80
N GLY A 63 -3.96 -1.02 -26.82
CA GLY A 63 -5.07 -1.35 -27.69
C GLY A 63 -6.02 -2.33 -27.06
N PRO A 64 -7.09 -2.65 -27.80
CA PRO A 64 -8.09 -3.59 -27.26
C PRO A 64 -7.56 -4.99 -27.09
N GLU A 65 -6.57 -5.38 -27.89
CA GLU A 65 -5.94 -6.69 -27.72
C GLU A 65 -5.35 -6.83 -26.33
N TYR A 66 -4.81 -5.73 -25.79
CA TYR A 66 -4.23 -5.74 -24.45
C TYR A 66 -5.31 -5.89 -23.38
N TRP A 67 -6.36 -5.06 -23.45
CA TRP A 67 -7.37 -5.11 -22.40
C TRP A 67 -8.13 -6.42 -22.43
N ASP A 68 -8.22 -7.06 -23.60
CA ASP A 68 -8.91 -8.35 -23.67
C ASP A 68 -8.07 -9.47 -23.05
N GLU A 69 -6.78 -9.57 -23.40
CA GLU A 69 -5.97 -10.65 -22.81
C GLU A 69 -5.78 -10.44 -21.31
N GLU A 70 -5.54 -9.20 -20.87
CA GLU A 70 -5.37 -8.94 -19.45
C GLU A 70 -6.64 -9.23 -18.67
N THR A 71 -7.79 -8.76 -19.16
CA THR A 71 -9.05 -9.11 -18.50
C THR A 71 -9.20 -10.62 -18.39
N GLY A 72 -8.88 -11.33 -19.46
CA GLY A 72 -8.99 -12.79 -19.41
C GLY A 72 -8.09 -13.42 -18.36
N LYS A 73 -6.84 -12.95 -18.27
CA LYS A 73 -5.91 -13.54 -17.31
C LYS A 73 -6.31 -13.24 -15.87
N VAL A 74 -6.83 -12.04 -15.62
CA VAL A 74 -7.16 -11.68 -14.24
C VAL A 74 -8.47 -12.33 -13.81
N LYS A 75 -9.40 -12.59 -14.74
CA LYS A 75 -10.63 -13.28 -14.36
C LYS A 75 -10.36 -14.73 -14.01
N ALA A 76 -9.49 -15.39 -14.78
CA ALA A 76 -9.09 -16.74 -14.44
C ALA A 76 -8.45 -16.81 -13.06
N HIS A 77 -7.59 -15.84 -12.75
CA HIS A 77 -6.94 -15.84 -11.43
C HIS A 77 -7.97 -15.68 -10.32
N SER A 78 -8.96 -14.80 -10.53
CA SER A 78 -10.03 -14.66 -9.54
C SER A 78 -10.77 -15.98 -9.30
N GLN A 79 -10.96 -16.79 -10.34
CA GLN A 79 -11.64 -18.06 -10.12
C GLN A 79 -10.74 -19.07 -9.42
N THR A 80 -9.45 -19.06 -9.77
CA THR A 80 -8.49 -19.94 -9.10
C THR A 80 -8.45 -19.68 -7.60
N ASP A 81 -8.39 -18.42 -7.19
CA ASP A 81 -8.29 -18.13 -5.77
C ASP A 81 -9.61 -18.31 -5.05
N ARG A 82 -10.73 -18.25 -5.76
CA ARG A 82 -12.00 -18.57 -5.10
C ARG A 82 -12.04 -20.05 -4.73
N GLU A 83 -11.49 -20.91 -5.58
CA GLU A 83 -11.40 -22.32 -5.22
C GLU A 83 -10.32 -22.56 -4.16
N ASN A 84 -9.20 -21.82 -4.23
CA ASN A 84 -8.16 -22.00 -3.21
C ASN A 84 -8.66 -21.64 -1.82
N LEU A 85 -9.58 -20.67 -1.72
CA LEU A 85 -10.21 -20.40 -0.43
C LEU A 85 -10.95 -21.63 0.08
N ARG A 86 -11.69 -22.31 -0.80
CA ARG A 86 -12.42 -23.51 -0.38
C ARG A 86 -11.45 -24.61 0.01
N ILE A 87 -10.36 -24.77 -0.74
CA ILE A 87 -9.39 -25.82 -0.44
C ILE A 87 -8.79 -25.58 0.93
N ALA A 88 -8.38 -24.34 1.20
CA ALA A 88 -7.73 -24.04 2.47
C ALA A 88 -8.66 -24.31 3.63
N LEU A 89 -9.95 -23.98 3.48
CA LEU A 89 -10.93 -24.27 4.51
C LEU A 89 -10.92 -25.74 4.88
N ARG A 90 -10.74 -26.62 3.89
CA ARG A 90 -10.67 -28.05 4.18
C ARG A 90 -9.36 -28.42 4.86
N TYR A 91 -8.23 -27.93 4.32
CA TYR A 91 -6.93 -28.28 4.89
C TYR A 91 -6.89 -27.98 6.38
N TYR A 92 -7.46 -26.85 6.80
CA TYR A 92 -7.44 -26.45 8.21
C TYR A 92 -8.69 -26.87 8.95
N ASN A 93 -9.65 -27.48 8.26
CA ASN A 93 -10.93 -27.86 8.88
C ASN A 93 -11.57 -26.67 9.59
N GLN A 94 -11.65 -25.55 8.88
CA GLN A 94 -12.24 -24.36 9.47
C GLN A 94 -13.72 -24.27 9.12
N SER A 95 -14.45 -23.55 9.95
CA SER A 95 -15.88 -23.43 9.76
C SER A 95 -16.19 -22.59 8.53
N GLU A 96 -17.22 -22.99 7.79
CA GLU A 96 -17.66 -22.24 6.62
C GLU A 96 -18.35 -20.92 6.98
N ALA A 97 -18.67 -20.68 8.25
CA ALA A 97 -19.25 -19.41 8.66
C ALA A 97 -18.23 -18.28 8.78
N GLY A 98 -16.94 -18.59 8.82
CA GLY A 98 -15.92 -17.58 9.02
C GLY A 98 -15.52 -16.87 7.75
N SER A 99 -15.07 -15.62 7.90
CA SER A 99 -14.60 -14.83 6.77
C SER A 99 -13.08 -14.96 6.69
N HIS A 100 -12.58 -15.41 5.55
CA HIS A 100 -11.15 -15.65 5.41
C HIS A 100 -10.62 -14.85 4.23
N THR A 101 -9.28 -14.67 4.20
CA THR A 101 -8.62 -13.81 3.22
C THR A 101 -7.51 -14.60 2.55
N LEU A 102 -7.37 -14.43 1.24
CA LEU A 102 -6.25 -14.97 0.49
C LEU A 102 -5.64 -13.86 -0.34
N GLN A 103 -4.35 -13.58 -0.11
CA GLN A 103 -3.62 -12.53 -0.80
C GLN A 103 -2.54 -13.13 -1.69
N MET A 104 -2.33 -12.54 -2.86
CA MET A 104 -1.26 -12.98 -3.75
C MET A 104 -0.44 -11.78 -4.17
N MET A 105 0.88 -11.95 -4.20
CA MET A 105 1.76 -10.94 -4.76
C MET A 105 2.69 -11.60 -5.76
N PHE A 106 2.83 -11.01 -6.94
CA PHE A 106 3.83 -11.48 -7.89
C PHE A 106 4.36 -10.29 -8.65
N GLY A 107 5.52 -10.48 -9.28
CA GLY A 107 6.17 -9.42 -10.04
C GLY A 107 7.67 -9.63 -10.14
N CYS A 108 8.33 -8.63 -10.72
CA CYS A 108 9.76 -8.69 -11.02
C CYS A 108 10.42 -7.33 -10.82
N ASP A 109 11.72 -7.37 -10.54
CA ASP A 109 12.58 -6.18 -10.50
C ASP A 109 13.58 -6.26 -11.65
N VAL A 110 13.85 -5.13 -12.30
CA VAL A 110 14.96 -5.01 -13.24
C VAL A 110 15.99 -4.05 -12.67
N GLY A 111 17.20 -4.12 -13.23
CA GLY A 111 18.24 -3.16 -12.94
C GLY A 111 18.32 -2.09 -14.01
N SER A 112 19.15 -1.08 -13.72
CA SER A 112 19.25 0.09 -14.59
C SER A 112 19.53 -0.25 -16.04
N ASP A 113 19.79 -1.51 -16.37
CA ASP A 113 20.00 -1.96 -17.75
C ASP A 113 18.81 -2.72 -18.31
N GLY A 114 17.75 -2.91 -17.53
CA GLY A 114 16.69 -3.81 -17.91
C GLY A 114 17.02 -5.27 -17.65
N ARG A 115 18.10 -5.53 -16.92
CA ARG A 115 18.50 -6.88 -16.58
C ARG A 115 17.66 -7.39 -15.43
N PHE A 116 17.26 -8.65 -15.51
CA PHE A 116 16.42 -9.28 -14.49
C PHE A 116 17.18 -9.33 -13.18
N LEU A 117 16.66 -8.70 -12.15
CA LEU A 117 17.27 -8.76 -10.82
C LEU A 117 16.63 -9.82 -9.93
N ARG A 118 15.30 -9.91 -9.91
CA ARG A 118 14.61 -10.78 -8.95
C ARG A 118 13.15 -10.95 -9.37
N GLY A 119 12.58 -12.09 -8.97
CA GLY A 119 11.17 -12.36 -9.23
C GLY A 119 10.47 -12.81 -7.97
N TYR A 120 9.15 -12.53 -7.93
CA TYR A 120 8.33 -12.85 -6.76
C TYR A 120 7.04 -13.55 -7.16
N HIS A 121 6.59 -14.44 -6.29
CA HIS A 121 5.37 -15.22 -6.52
C HIS A 121 4.96 -15.87 -5.21
N GLN A 122 4.10 -15.20 -4.43
CA GLN A 122 3.85 -15.66 -3.08
C GLN A 122 2.41 -15.39 -2.64
N TYR A 123 1.96 -16.23 -1.70
CA TYR A 123 0.59 -16.27 -1.18
C TYR A 123 0.60 -16.11 0.34
N ALA A 124 -0.41 -15.39 0.86
CA ALA A 124 -0.67 -15.36 2.29
C ALA A 124 -2.13 -15.68 2.59
N TYR A 125 -2.36 -16.42 3.69
CA TYR A 125 -3.70 -16.83 4.11
C TYR A 125 -3.98 -16.22 5.46
N ASP A 126 -5.07 -15.45 5.53
CA ASP A 126 -5.46 -14.77 6.76
C ASP A 126 -4.33 -13.90 7.30
N GLY A 127 -3.65 -13.19 6.38
CA GLY A 127 -2.66 -12.20 6.75
C GLY A 127 -1.26 -12.72 7.03
N LYS A 128 -0.99 -14.02 6.82
CA LYS A 128 0.30 -14.62 7.13
C LYS A 128 0.78 -15.49 5.97
N ASP A 129 2.12 -15.59 5.83
CA ASP A 129 2.75 -16.39 4.78
C ASP A 129 2.12 -17.76 4.67
N TYR A 130 1.79 -18.16 3.45
CA TYR A 130 1.34 -19.53 3.18
C TYR A 130 2.40 -20.27 2.38
N ILE A 131 2.65 -19.87 1.15
CA ILE A 131 3.70 -20.47 0.32
C ILE A 131 4.29 -19.35 -0.53
N ALA A 132 5.59 -19.47 -0.81
CA ALA A 132 6.32 -18.42 -1.51
C ALA A 132 7.38 -19.07 -2.40
N LEU A 133 7.55 -18.56 -3.61
CA LEU A 133 8.64 -19.01 -4.47
C LEU A 133 9.94 -18.40 -3.96
N LYS A 134 10.94 -19.24 -3.73
CA LYS A 134 12.19 -18.75 -3.18
C LYS A 134 12.94 -17.90 -4.20
N GLU A 135 13.87 -17.08 -3.69
CA GLU A 135 14.68 -16.20 -4.52
C GLU A 135 15.35 -16.93 -5.68
N ASP A 136 15.76 -18.19 -5.49
CA ASP A 136 16.38 -18.90 -6.60
C ASP A 136 15.39 -19.24 -7.71
N LEU A 137 14.08 -19.05 -7.50
CA LEU A 137 13.02 -19.34 -8.47
C LEU A 137 12.95 -20.83 -8.81
N ARG A 138 13.45 -21.71 -7.94
CA ARG A 138 13.48 -23.13 -8.25
C ARG A 138 12.81 -24.01 -7.21
N SER A 139 12.54 -23.52 -6.00
CA SER A 139 11.84 -24.29 -4.97
C SER A 139 10.93 -23.34 -4.18
N TRP A 140 10.22 -23.87 -3.20
CA TRP A 140 9.20 -23.13 -2.47
C TRP A 140 9.50 -23.11 -0.99
N THR A 141 9.06 -22.05 -0.32
CA THR A 141 8.98 -22.00 1.14
C THR A 141 7.52 -22.24 1.55
N ALA A 142 7.30 -23.22 2.40
CA ALA A 142 5.97 -23.58 2.89
C ALA A 142 5.94 -23.36 4.39
N ALA A 143 4.97 -22.56 4.86
CA ALA A 143 5.01 -22.06 6.23
C ALA A 143 4.27 -22.92 7.26
N ASP A 144 3.56 -23.97 6.85
CA ASP A 144 2.92 -24.87 7.80
C ASP A 144 2.58 -26.17 7.08
N MET A 145 1.89 -27.06 7.81
CA MET A 145 1.63 -28.39 7.28
C MET A 145 0.68 -28.36 6.10
N ALA A 146 -0.31 -27.46 6.13
CA ALA A 146 -1.23 -27.32 5.00
C ALA A 146 -0.48 -26.83 3.77
N ALA A 147 0.40 -25.84 3.94
CA ALA A 147 1.17 -25.37 2.80
C ALA A 147 2.13 -26.42 2.26
N GLN A 148 2.52 -27.41 3.09
CA GLN A 148 3.41 -28.44 2.56
C GLN A 148 2.67 -29.40 1.62
N ILE A 149 1.36 -29.59 1.82
CA ILE A 149 0.56 -30.32 0.83
C ILE A 149 0.64 -29.63 -0.52
N THR A 150 0.46 -28.30 -0.53
CA THR A 150 0.52 -27.56 -1.79
C THR A 150 1.91 -27.62 -2.40
N LYS A 151 2.93 -27.47 -1.55
CA LYS A 151 4.32 -27.52 -2.03
C LYS A 151 4.59 -28.82 -2.78
N ARG A 152 4.17 -29.96 -2.20
CA ARG A 152 4.36 -31.26 -2.83
C ARG A 152 3.62 -31.33 -4.17
N LYS A 153 2.37 -30.87 -4.20
CA LYS A 153 1.61 -30.85 -5.44
C LYS A 153 2.28 -29.99 -6.49
N TRP A 154 2.73 -28.78 -6.10
CA TRP A 154 3.32 -27.87 -7.07
C TRP A 154 4.69 -28.36 -7.53
N GLU A 155 5.41 -29.10 -6.68
CA GLU A 155 6.66 -29.70 -7.14
C GLU A 155 6.39 -30.75 -8.21
N ALA A 156 5.40 -31.60 -7.97
CA ALA A 156 5.05 -32.65 -8.94
C ALA A 156 4.61 -32.05 -10.28
N ALA A 157 4.00 -30.87 -10.27
CA ALA A 157 3.45 -30.28 -11.47
C ALA A 157 4.36 -29.23 -12.13
N HIS A 158 5.60 -29.07 -11.66
CA HIS A 158 6.59 -28.14 -12.26
C HIS A 158 6.09 -26.69 -12.28
N VAL A 159 5.39 -26.28 -11.23
CA VAL A 159 4.86 -24.93 -11.19
C VAL A 159 5.99 -23.90 -11.11
N ALA A 160 7.09 -24.21 -10.42
CA ALA A 160 8.17 -23.24 -10.32
C ALA A 160 8.77 -22.92 -11.70
N GLU A 161 8.92 -23.95 -12.53
CA GLU A 161 9.41 -23.73 -13.90
C GLU A 161 8.43 -22.85 -14.68
N GLN A 162 7.13 -23.13 -14.56
CA GLN A 162 6.13 -22.33 -15.26
C GLN A 162 6.22 -20.85 -14.88
N GLN A 163 6.29 -20.55 -13.58
CA GLN A 163 6.24 -19.17 -13.11
C GLN A 163 7.54 -18.43 -13.41
N ARG A 164 8.68 -19.11 -13.26
CA ARG A 164 9.97 -18.51 -13.62
C ARG A 164 9.98 -18.06 -15.08
N ALA A 165 9.46 -18.90 -15.98
CA ALA A 165 9.32 -18.48 -17.38
C ALA A 165 8.56 -17.18 -17.51
N TYR A 166 7.48 -17.03 -16.74
CA TYR A 166 6.75 -15.76 -16.75
C TYR A 166 7.62 -14.63 -16.21
N LEU A 167 8.27 -14.85 -15.07
CA LEU A 167 8.97 -13.78 -14.38
C LEU A 167 10.17 -13.28 -15.18
N GLU A 168 10.87 -14.17 -15.87
CA GLU A 168 12.06 -13.76 -16.61
C GLU A 168 11.74 -13.31 -18.02
N GLY A 169 10.57 -13.65 -18.54
CA GLY A 169 10.18 -13.24 -19.88
C GLY A 169 9.13 -12.17 -19.84
N THR A 170 7.87 -12.59 -19.89
CA THR A 170 6.73 -11.67 -19.94
C THR A 170 6.83 -10.52 -18.96
N CYS A 171 7.02 -10.84 -17.67
CA CYS A 171 7.07 -9.79 -16.65
C CYS A 171 8.09 -8.72 -16.99
N VAL A 172 9.29 -9.13 -17.41
CA VAL A 172 10.35 -8.18 -17.72
C VAL A 172 9.99 -7.38 -18.98
N ASP A 173 9.49 -8.07 -20.02
CA ASP A 173 9.10 -7.39 -21.26
C ASP A 173 8.03 -6.34 -20.99
N GLY A 174 7.09 -6.63 -20.09
CA GLY A 174 6.03 -5.67 -19.80
C GLY A 174 6.55 -4.46 -19.04
N LEU A 175 7.38 -4.71 -18.02
CA LEU A 175 7.96 -3.62 -17.25
C LEU A 175 8.79 -2.70 -18.14
N ARG A 176 9.64 -3.28 -18.99
CA ARG A 176 10.43 -2.45 -19.90
C ARG A 176 9.53 -1.64 -20.82
N ARG A 177 8.48 -2.26 -21.37
CA ARG A 177 7.55 -1.54 -22.23
C ARG A 177 6.85 -0.40 -21.49
N TYR A 178 6.48 -0.62 -20.22
CA TYR A 178 5.83 0.42 -19.45
C TYR A 178 6.80 1.55 -19.08
N LEU A 179 8.04 1.19 -18.76
CA LEU A 179 9.06 2.21 -18.46
C LEU A 179 9.25 3.14 -19.66
N GLU A 180 9.46 2.57 -20.85
CA GLU A 180 9.54 3.36 -22.06
C GLU A 180 8.28 4.21 -22.27
N ASN A 181 7.11 3.55 -22.27
CA ASN A 181 5.87 4.26 -22.60
C ASN A 181 5.55 5.37 -21.62
N GLY A 182 6.09 5.34 -20.41
CA GLY A 182 5.73 6.31 -19.40
C GLY A 182 6.95 6.98 -18.80
N LYS A 183 7.99 7.13 -19.63
CA LYS A 183 9.30 7.61 -19.18
C LYS A 183 9.18 8.88 -18.35
N GLU A 184 8.34 9.82 -18.78
CA GLU A 184 8.23 11.11 -18.12
C GLU A 184 7.72 10.98 -16.68
N THR A 185 6.79 10.04 -16.46
CA THR A 185 6.20 9.88 -15.14
C THR A 185 6.94 8.84 -14.29
N LEU A 186 7.39 7.74 -14.90
CA LEU A 186 7.98 6.65 -14.13
C LEU A 186 9.48 6.80 -13.91
N GLN A 187 10.20 7.44 -14.83
CA GLN A 187 11.64 7.59 -14.69
C GLN A 187 12.03 8.94 -14.14
N ARG A 188 11.18 9.50 -13.27
CA ARG A 188 11.47 10.73 -12.56
C ARG A 188 11.82 10.42 -11.11
N THR A 189 12.57 11.34 -10.51
CA THR A 189 12.64 11.49 -9.07
C THR A 189 12.19 12.90 -8.75
N ASP A 190 11.37 13.04 -7.70
CA ASP A 190 11.08 14.34 -7.12
C ASP A 190 11.76 14.40 -5.76
N PRO A 191 12.69 15.33 -5.51
CA PRO A 191 13.30 15.39 -4.19
C PRO A 191 12.33 15.91 -3.16
N PRO A 192 12.52 15.55 -1.89
CA PRO A 192 11.63 16.07 -0.83
C PRO A 192 11.88 17.55 -0.57
N LYS A 193 10.79 18.32 -0.49
CA LYS A 193 10.87 19.63 0.12
C LYS A 193 10.75 19.46 1.62
N THR A 194 11.56 20.20 2.35
CA THR A 194 11.71 19.93 3.77
C THR A 194 11.61 21.23 4.56
N HIS A 195 11.17 21.09 5.79
CA HIS A 195 11.06 22.20 6.73
C HIS A 195 10.87 21.59 8.10
N MET A 196 10.81 22.47 9.11
CA MET A 196 10.68 22.07 10.50
C MET A 196 9.58 22.92 11.13
N THR A 197 8.69 22.28 11.90
CA THR A 197 7.70 23.00 12.69
C THR A 197 7.94 22.77 14.18
N HIS A 198 7.42 23.71 14.99
CA HIS A 198 7.67 23.78 16.43
C HIS A 198 6.34 23.92 17.16
N HIS A 199 6.10 23.06 18.14
CA HIS A 199 4.81 22.97 18.80
C HIS A 199 4.98 22.93 20.31
N PRO A 200 4.71 24.03 21.01
CA PRO A 200 4.78 24.01 22.48
C PRO A 200 3.81 22.97 23.06
N ILE A 201 4.29 22.24 24.06
CA ILE A 201 3.48 21.26 24.76
C ILE A 201 3.00 21.87 26.07
N SER A 202 3.96 22.29 26.90
CA SER A 202 3.66 22.93 28.17
C SER A 202 4.50 24.19 28.28
N ASP A 203 5.20 24.35 29.42
CA ASP A 203 6.22 25.36 29.56
C ASP A 203 7.61 24.75 29.69
N HIS A 204 7.69 23.42 29.70
CA HIS A 204 8.95 22.72 29.78
C HIS A 204 9.26 21.90 28.53
N GLU A 205 8.30 21.68 27.65
CA GLU A 205 8.46 20.77 26.53
C GLU A 205 7.83 21.32 25.26
N ALA A 206 8.47 21.01 24.14
CA ALA A 206 7.96 21.34 22.82
C ALA A 206 8.27 20.19 21.86
N THR A 207 7.36 19.99 20.90
CA THR A 207 7.59 19.04 19.81
C THR A 207 8.29 19.75 18.65
N LEU A 208 9.44 19.22 18.24
CA LEU A 208 10.04 19.56 16.95
C LEU A 208 9.64 18.50 15.94
N ARG A 209 9.03 18.92 14.82
CA ARG A 209 8.64 18.01 13.74
C ARG A 209 9.42 18.32 12.47
N CYS A 210 10.02 17.29 11.89
CA CYS A 210 10.78 17.37 10.66
C CYS A 210 9.97 16.80 9.50
N TRP A 211 9.71 17.62 8.48
CA TRP A 211 8.78 17.33 7.38
C TRP A 211 9.49 17.06 6.06
N ALA A 212 8.95 16.09 5.30
CA ALA A 212 9.36 15.87 3.91
C ALA A 212 8.10 15.78 3.06
N LEU A 213 8.01 16.64 2.04
CA LEU A 213 6.82 16.76 1.20
C LEU A 213 7.20 16.63 -0.26
N GLY A 214 6.23 16.19 -1.06
CA GLY A 214 6.34 16.20 -2.52
C GLY A 214 7.37 15.27 -3.13
N PHE A 215 7.73 14.17 -2.47
CA PHE A 215 8.79 13.36 -3.02
C PHE A 215 8.25 12.11 -3.71
N TYR A 216 9.08 11.58 -4.63
CA TYR A 216 8.88 10.36 -5.40
C TYR A 216 10.24 9.79 -5.78
N PRO A 217 10.49 8.48 -5.64
CA PRO A 217 9.60 7.45 -5.13
C PRO A 217 9.35 7.57 -3.62
N ALA A 218 8.57 6.62 -3.09
CA ALA A 218 8.10 6.69 -1.71
C ALA A 218 9.22 6.41 -0.70
N GLU A 219 10.19 5.58 -1.06
CA GLU A 219 11.23 5.22 -0.09
C GLU A 219 11.99 6.46 0.37
N ILE A 220 12.10 6.63 1.69
CA ILE A 220 12.84 7.75 2.26
C ILE A 220 13.27 7.39 3.68
N THR A 221 14.29 8.08 4.19
CA THR A 221 14.76 7.88 5.55
C THR A 221 14.86 9.22 6.26
N LEU A 222 14.21 9.33 7.42
CA LEU A 222 14.25 10.52 8.25
C LEU A 222 14.67 10.13 9.64
N THR A 223 15.73 10.77 10.15
CA THR A 223 16.27 10.44 11.48
C THR A 223 16.53 11.72 12.27
N TRP A 224 16.46 11.61 13.60
CA TRP A 224 16.78 12.71 14.51
C TRP A 224 18.06 12.42 15.27
N GLN A 225 18.87 13.46 15.48
CA GLN A 225 20.10 13.35 16.27
C GLN A 225 20.14 14.44 17.32
N ARG A 226 20.86 14.16 18.40
CA ARG A 226 21.04 15.11 19.49
C ARG A 226 22.52 15.08 19.87
N ASP A 227 23.21 16.19 19.63
CA ASP A 227 24.66 16.32 19.70
C ASP A 227 25.40 15.44 18.69
N GLY A 228 24.68 14.64 17.92
CA GLY A 228 25.30 13.76 16.93
C GLY A 228 25.03 12.30 17.17
N GLU A 229 24.26 11.90 18.17
CA GLU A 229 24.00 10.48 18.38
C GLU A 229 22.52 10.17 18.24
N ASP A 230 22.24 8.94 17.80
CA ASP A 230 20.91 8.57 17.32
C ASP A 230 19.88 8.67 18.43
N GLN A 231 18.73 9.23 18.09
CA GLN A 231 17.64 9.48 19.03
C GLN A 231 16.45 8.58 18.72
N THR A 232 16.71 7.34 18.32
CA THR A 232 15.75 6.55 17.57
C THR A 232 14.50 6.20 18.37
N GLN A 233 14.64 5.74 19.62
CA GLN A 233 13.45 5.31 20.34
C GLN A 233 12.68 6.47 20.98
N ASP A 234 13.23 7.70 20.95
CA ASP A 234 12.47 8.86 21.38
C ASP A 234 11.89 9.64 20.21
N THR A 235 11.84 9.02 19.03
CA THR A 235 11.34 9.64 17.82
C THR A 235 9.99 9.04 17.43
N GLU A 236 9.01 9.90 17.21
CA GLU A 236 7.78 9.46 16.58
C GLU A 236 7.91 9.63 15.06
N LEU A 237 7.59 8.56 14.32
CA LEU A 237 7.80 8.49 12.89
C LEU A 237 6.54 7.93 12.23
N VAL A 238 5.83 8.73 11.42
CA VAL A 238 4.57 8.25 10.84
C VAL A 238 4.85 7.44 9.58
N GLU A 239 3.86 6.64 9.17
CA GLU A 239 3.94 5.95 7.89
C GLU A 239 3.97 6.94 6.71
N THR A 240 4.85 6.68 5.75
CA THR A 240 4.86 7.43 4.50
C THR A 240 3.47 7.37 3.86
N ARG A 241 2.98 8.52 3.41
CA ARG A 241 1.60 8.63 2.98
C ARG A 241 1.51 9.32 1.63
N PRO A 242 0.56 8.91 0.79
CA PRO A 242 0.41 9.56 -0.53
C PRO A 242 -0.26 10.91 -0.42
N ALA A 243 0.25 11.86 -1.21
CA ALA A 243 -0.41 13.16 -1.28
C ALA A 243 -1.69 13.08 -2.12
N GLY A 244 -1.74 12.17 -3.08
CA GLY A 244 -2.86 12.09 -4.00
C GLY A 244 -2.55 12.58 -5.40
N ASP A 245 -1.46 13.31 -5.57
CA ASP A 245 -1.00 13.78 -6.88
C ASP A 245 0.17 12.98 -7.42
N GLY A 246 0.45 11.83 -6.82
CA GLY A 246 1.55 11.00 -7.26
C GLY A 246 2.79 11.12 -6.41
N THR A 247 2.85 12.07 -5.48
CA THR A 247 3.98 12.24 -4.60
C THR A 247 3.62 11.77 -3.19
N PHE A 248 4.64 11.71 -2.33
CA PHE A 248 4.47 11.17 -0.99
C PHE A 248 4.90 12.20 0.05
N GLN A 249 4.51 11.93 1.30
CA GLN A 249 4.77 12.81 2.43
C GLN A 249 5.19 11.97 3.63
N LYS A 250 5.94 12.57 4.56
CA LYS A 250 6.39 11.93 5.79
C LYS A 250 6.90 12.98 6.77
N TRP A 251 6.70 12.73 8.06
CA TRP A 251 7.36 13.52 9.08
C TRP A 251 7.85 12.64 10.23
N ALA A 252 8.84 13.17 10.94
CA ALA A 252 9.39 12.60 12.15
C ALA A 252 9.50 13.71 13.18
N ALA A 253 9.27 13.35 14.44
CA ALA A 253 9.20 14.32 15.52
C ALA A 253 9.89 13.80 16.77
N VAL A 254 10.30 14.74 17.61
CA VAL A 254 10.90 14.46 18.92
C VAL A 254 10.38 15.52 19.88
N VAL A 255 10.23 15.12 21.14
CA VAL A 255 9.91 16.05 22.23
C VAL A 255 11.21 16.61 22.76
N VAL A 256 11.24 17.91 23.01
CA VAL A 256 12.47 18.62 23.35
C VAL A 256 12.26 19.43 24.62
N PRO A 257 13.20 19.42 25.56
CA PRO A 257 13.10 20.33 26.71
C PRO A 257 13.34 21.77 26.29
N SER A 258 12.57 22.68 26.88
CA SER A 258 12.67 24.10 26.58
C SER A 258 14.13 24.54 26.60
N GLY A 259 14.51 25.30 25.58
CA GLY A 259 15.85 25.79 25.47
C GLY A 259 16.83 24.87 24.77
N GLU A 260 16.47 23.60 24.57
CA GLU A 260 17.39 22.62 24.00
C GLU A 260 17.19 22.39 22.50
N GLU A 261 16.33 23.18 21.85
CA GLU A 261 15.98 22.96 20.45
C GLU A 261 17.21 22.89 19.56
N GLN A 262 18.20 23.73 19.82
CA GLN A 262 19.38 23.83 18.97
C GLN A 262 20.32 22.65 19.11
N ARG A 263 20.06 21.73 20.05
CA ARG A 263 20.87 20.53 20.17
C ARG A 263 20.49 19.44 19.17
N TYR A 264 19.37 19.58 18.48
CA TYR A 264 18.86 18.51 17.62
C TYR A 264 19.09 18.82 16.14
N THR A 265 19.27 17.76 15.36
CA THR A 265 19.39 17.86 13.92
C THR A 265 18.55 16.78 13.28
N CYS A 266 17.84 17.13 12.22
CA CYS A 266 17.09 16.19 11.41
C CYS A 266 17.91 15.83 10.18
N HIS A 267 17.81 14.58 9.75
CA HIS A 267 18.62 14.07 8.65
C HIS A 267 17.73 13.35 7.64
N VAL A 268 17.88 13.70 6.36
CA VAL A 268 16.99 13.27 5.30
C VAL A 268 17.80 12.58 4.21
N GLN A 269 17.45 11.34 3.89
CA GLN A 269 18.07 10.61 2.78
C GLN A 269 17.00 10.22 1.78
N HIS A 270 17.30 10.44 0.49
CA HIS A 270 16.35 10.16 -0.58
C HIS A 270 17.10 10.16 -1.89
N GLU A 271 16.68 9.30 -2.82
CA GLU A 271 17.49 9.11 -4.01
C GLU A 271 17.46 10.34 -4.92
N GLY A 272 16.39 11.13 -4.89
CA GLY A 272 16.41 12.36 -5.64
C GLY A 272 17.29 13.44 -5.05
N LEU A 273 17.87 13.21 -3.89
CA LEU A 273 18.81 14.17 -3.32
C LEU A 273 20.22 13.83 -3.77
N PRO A 274 21.00 14.80 -4.24
CA PRO A 274 22.42 14.51 -4.52
C PRO A 274 23.21 14.11 -3.29
N LYS A 275 23.01 14.80 -2.17
CA LYS A 275 23.64 14.52 -0.89
C LYS A 275 22.57 14.56 0.20
N PRO A 276 22.80 13.87 1.32
CA PRO A 276 21.82 13.89 2.41
C PRO A 276 21.78 15.25 3.11
N LEU A 277 20.58 15.64 3.55
CA LEU A 277 20.32 16.96 4.11
C LEU A 277 20.42 16.93 5.62
N THR A 278 20.80 18.07 6.19
CA THR A 278 20.73 18.29 7.63
C THR A 278 19.90 19.54 7.90
N LEU A 279 18.97 19.45 8.83
CA LEU A 279 18.11 20.56 9.21
C LEU A 279 18.28 20.82 10.70
N ARG A 280 18.28 22.11 11.09
CA ARG A 280 18.33 22.50 12.49
C ARG A 280 17.42 23.68 12.73
N TRP A 281 16.75 23.67 13.88
CA TRP A 281 15.84 24.75 14.25
C TRP A 281 16.57 26.10 14.35
N GLY B 1 -20.38 -13.33 20.86
CA GLY B 1 -20.71 -12.93 19.50
C GLY B 1 -19.50 -12.92 18.59
N SER B 2 -19.59 -13.60 17.45
CA SER B 2 -18.51 -13.69 16.47
C SER B 2 -18.48 -12.45 15.56
N SER B 3 -17.29 -12.15 15.02
CA SER B 3 -17.03 -10.88 14.35
C SER B 3 -16.77 -10.97 12.84
N GLY B 4 -16.44 -12.14 12.31
CA GLY B 4 -15.94 -12.15 10.95
C GLY B 4 -14.54 -11.58 10.92
N SER B 5 -13.63 -12.33 11.56
CA SER B 5 -12.22 -11.98 11.62
C SER B 5 -11.46 -13.30 11.72
N SER B 6 -10.45 -13.45 10.89
CA SER B 6 -9.50 -14.54 11.00
C SER B 6 -8.10 -13.96 10.84
N GLY B 7 -7.15 -14.56 11.54
CA GLY B 7 -5.77 -14.12 11.46
C GLY B 7 -5.48 -13.01 12.47
N ILE B 8 -4.18 -12.74 12.61
CA ILE B 8 -3.74 -11.79 13.62
C ILE B 8 -4.31 -10.42 13.30
N GLN B 9 -5.01 -9.81 14.26
CA GLN B 9 -5.63 -8.51 14.03
C GLN B 9 -4.63 -7.37 14.19
N ARG B 10 -4.74 -6.37 13.30
CA ARG B 10 -3.87 -5.19 13.33
C ARG B 10 -4.72 -3.94 13.23
N THR B 11 -4.51 -3.03 14.17
CA THR B 11 -5.32 -1.80 14.22
C THR B 11 -4.84 -0.85 13.13
N PRO B 12 -5.73 -0.15 12.44
CA PRO B 12 -5.26 0.80 11.40
C PRO B 12 -4.52 1.98 12.02
N LYS B 13 -3.46 2.42 11.34
CA LYS B 13 -2.86 3.72 11.62
C LYS B 13 -3.54 4.76 10.76
N ILE B 14 -4.04 5.82 11.39
CA ILE B 14 -4.91 6.80 10.75
C ILE B 14 -4.20 8.16 10.66
N GLN B 15 -4.18 8.75 9.47
CA GLN B 15 -3.68 10.11 9.25
C GLN B 15 -4.69 10.90 8.43
N VAL B 16 -5.03 12.10 8.89
CA VAL B 16 -5.87 13.02 8.12
C VAL B 16 -5.07 14.29 7.87
N TYR B 17 -5.11 14.78 6.64
CA TYR B 17 -4.15 15.77 6.20
C TYR B 17 -4.58 16.25 4.82
N SER B 18 -4.04 17.40 4.42
CA SER B 18 -4.37 18.00 3.14
C SER B 18 -3.28 17.69 2.11
N ARG B 19 -3.66 17.73 0.84
CA ARG B 19 -2.71 17.41 -0.21
C ARG B 19 -1.60 18.46 -0.28
N HIS B 20 -1.97 19.74 -0.22
CA HIS B 20 -1.05 20.86 -0.19
C HIS B 20 -1.25 21.60 1.12
N PRO B 21 -0.21 22.29 1.63
CA PRO B 21 -0.40 23.10 2.84
C PRO B 21 -1.62 23.99 2.71
N ALA B 22 -2.41 24.08 3.78
CA ALA B 22 -3.75 24.65 3.70
C ALA B 22 -3.71 26.16 3.50
N GLU B 23 -4.71 26.66 2.80
CA GLU B 23 -4.78 28.09 2.53
C GLU B 23 -6.25 28.44 2.37
N ASN B 24 -6.78 29.23 3.29
CA ASN B 24 -8.19 29.54 3.31
C ASN B 24 -8.65 30.12 1.99
N GLY B 25 -9.70 29.53 1.42
CA GLY B 25 -10.28 30.01 0.19
C GLY B 25 -9.69 29.43 -1.06
N LYS B 26 -8.64 28.62 -0.95
CA LYS B 26 -8.06 27.95 -2.10
C LYS B 26 -8.44 26.47 -2.07
N SER B 27 -8.83 25.94 -3.23
CA SER B 27 -9.23 24.55 -3.27
C SER B 27 -8.02 23.64 -3.09
N ASN B 28 -8.27 22.51 -2.44
CA ASN B 28 -7.27 21.59 -1.91
C ASN B 28 -7.91 20.21 -1.93
N PHE B 29 -7.23 19.21 -1.38
CA PHE B 29 -7.82 17.90 -1.17
C PHE B 29 -7.62 17.50 0.28
N LEU B 30 -8.68 16.97 0.89
CA LEU B 30 -8.66 16.42 2.24
C LEU B 30 -8.49 14.90 2.14
N ASN B 31 -7.44 14.38 2.78
CA ASN B 31 -7.04 12.98 2.69
C ASN B 31 -7.22 12.32 4.04
N CYS B 32 -7.72 11.08 4.03
CA CYS B 32 -7.64 10.21 5.21
C CYS B 32 -6.99 8.90 4.77
N TYR B 33 -5.76 8.66 5.24
CA TYR B 33 -4.97 7.48 4.89
C TYR B 33 -4.99 6.52 6.08
N VAL B 34 -5.38 5.28 5.82
CA VAL B 34 -5.38 4.23 6.82
C VAL B 34 -4.48 3.11 6.31
N SER B 35 -3.64 2.59 7.20
CA SER B 35 -2.60 1.66 6.77
C SER B 35 -2.27 0.69 7.89
N GLY B 36 -1.63 -0.41 7.50
CA GLY B 36 -1.17 -1.38 8.47
C GLY B 36 -2.23 -2.23 9.15
N PHE B 37 -3.44 -2.38 8.58
CA PHE B 37 -4.52 -3.06 9.27
C PHE B 37 -4.81 -4.44 8.69
N HIS B 38 -5.47 -5.27 9.51
CA HIS B 38 -5.95 -6.59 9.15
C HIS B 38 -7.09 -7.01 10.07
N PRO B 39 -8.19 -7.58 9.55
CA PRO B 39 -8.54 -7.86 8.14
C PRO B 39 -8.81 -6.59 7.30
N SER B 40 -9.20 -6.79 6.04
CA SER B 40 -9.21 -5.68 5.11
C SER B 40 -10.49 -4.86 5.17
N ASP B 41 -11.57 -5.39 5.76
CA ASP B 41 -12.82 -4.64 5.80
C ASP B 41 -12.68 -3.48 6.80
N ILE B 42 -13.03 -2.28 6.35
CA ILE B 42 -12.83 -1.07 7.13
C ILE B 42 -13.85 -0.05 6.63
N GLU B 43 -14.20 0.90 7.49
CA GLU B 43 -15.15 1.96 7.15
C GLU B 43 -14.50 3.31 7.43
N VAL B 44 -14.48 4.18 6.44
CA VAL B 44 -13.90 5.51 6.60
C VAL B 44 -14.88 6.54 6.06
N ASP B 45 -15.07 7.62 6.82
CA ASP B 45 -15.87 8.76 6.43
C ASP B 45 -15.10 10.02 6.74
N LEU B 46 -15.20 10.99 5.84
CA LEU B 46 -14.72 12.34 6.10
C LEU B 46 -15.88 13.17 6.64
N LEU B 47 -15.60 13.94 7.68
CA LEU B 47 -16.60 14.74 8.38
C LEU B 47 -16.33 16.21 8.15
N LYS B 48 -17.37 16.96 7.78
CA LYS B 48 -17.33 18.42 7.77
C LYS B 48 -18.32 18.90 8.82
N ASN B 49 -17.80 19.54 9.87
CA ASN B 49 -18.59 19.99 11.00
C ASN B 49 -19.50 18.88 11.51
N GLY B 50 -18.91 17.69 11.65
CA GLY B 50 -19.56 16.54 12.25
C GLY B 50 -20.47 15.76 11.34
N GLU B 51 -20.66 16.19 10.10
CA GLU B 51 -21.58 15.55 9.18
C GLU B 51 -20.81 14.83 8.08
N ARG B 52 -21.24 13.60 7.77
CA ARG B 52 -20.62 12.79 6.73
C ARG B 52 -20.65 13.51 5.38
N ILE B 53 -19.48 13.64 4.75
CA ILE B 53 -19.38 14.20 3.40
C ILE B 53 -19.66 13.08 2.41
N GLU B 54 -20.49 13.36 1.40
CA GLU B 54 -21.21 12.26 0.78
C GLU B 54 -20.52 11.61 -0.40
N LYS B 55 -19.75 12.34 -1.19
CA LYS B 55 -19.03 11.69 -2.30
C LYS B 55 -17.52 11.86 -2.15
N VAL B 56 -17.01 11.16 -1.13
CA VAL B 56 -15.60 10.84 -0.95
C VAL B 56 -15.25 9.69 -1.88
N GLU B 57 -14.10 9.79 -2.53
CA GLU B 57 -13.62 8.65 -3.28
C GLU B 57 -12.51 7.95 -2.49
N HIS B 58 -12.07 6.81 -3.03
CA HIS B 58 -11.03 6.06 -2.35
C HIS B 58 -10.20 5.24 -3.33
N SER B 59 -8.95 4.97 -2.94
CA SER B 59 -8.04 4.15 -3.73
C SER B 59 -8.57 2.71 -3.82
N ASP B 60 -7.99 1.95 -4.73
CA ASP B 60 -8.24 0.51 -4.78
C ASP B 60 -7.46 -0.19 -3.67
N LEU B 61 -8.08 -1.20 -3.06
CA LEU B 61 -7.46 -1.90 -1.93
C LEU B 61 -6.13 -2.55 -2.31
N SER B 62 -5.08 -2.25 -1.55
CA SER B 62 -3.77 -2.81 -1.83
C SER B 62 -3.10 -3.11 -0.48
N PHE B 63 -1.89 -3.68 -0.53
CA PHE B 63 -1.22 -4.04 0.72
C PHE B 63 0.30 -3.95 0.56
N SER B 64 0.99 -3.88 1.69
CA SER B 64 2.44 -3.71 1.75
C SER B 64 3.16 -5.07 1.79
N LYS B 65 4.50 -5.02 1.81
CA LYS B 65 5.29 -6.24 1.75
C LYS B 65 4.98 -7.17 2.91
N ASP B 66 4.62 -6.64 4.08
CA ASP B 66 4.25 -7.46 5.22
C ASP B 66 2.78 -7.91 5.20
N TRP B 67 2.04 -7.68 4.11
CA TRP B 67 0.68 -8.14 3.86
C TRP B 67 -0.38 -7.26 4.53
N SER B 68 -0.02 -6.27 5.33
CA SER B 68 -1.04 -5.41 5.95
C SER B 68 -1.61 -4.44 4.91
N PHE B 69 -2.90 -4.14 5.02
CA PHE B 69 -3.61 -3.37 3.99
C PHE B 69 -3.45 -1.86 4.19
N TYR B 70 -3.69 -1.11 3.09
CA TYR B 70 -3.74 0.36 3.15
C TYR B 70 -4.77 0.88 2.14
N LEU B 71 -5.35 2.04 2.48
CA LEU B 71 -6.39 2.71 1.70
C LEU B 71 -6.29 4.22 1.88
N LEU B 72 -6.48 4.96 0.79
CA LEU B 72 -6.59 6.42 0.83
C LEU B 72 -8.01 6.81 0.46
N TYR B 73 -8.68 7.55 1.36
CA TYR B 73 -9.95 8.23 1.06
C TYR B 73 -9.67 9.71 0.92
N TYR B 74 -10.33 10.36 -0.07
CA TYR B 74 -10.00 11.75 -0.39
C TYR B 74 -11.20 12.45 -1.04
N THR B 75 -11.27 13.77 -0.80
CA THR B 75 -12.32 14.61 -1.37
C THR B 75 -11.76 16.00 -1.57
N GLU B 76 -12.12 16.63 -2.68
CA GLU B 76 -11.78 18.04 -2.87
C GLU B 76 -12.50 18.91 -1.84
N PHE B 77 -11.81 19.94 -1.35
CA PHE B 77 -12.41 20.87 -0.41
C PHE B 77 -11.65 22.17 -0.45
N THR B 78 -12.30 23.24 0.01
CA THR B 78 -11.62 24.53 0.12
C THR B 78 -11.71 24.96 1.58
N PRO B 79 -10.64 24.82 2.35
CA PRO B 79 -10.69 25.13 3.78
C PRO B 79 -11.07 26.58 4.04
N THR B 80 -11.50 26.82 5.28
CA THR B 80 -11.80 28.16 5.77
C THR B 80 -11.25 28.27 7.19
N GLU B 81 -11.52 29.40 7.84
CA GLU B 81 -10.99 29.57 9.20
C GLU B 81 -11.87 28.89 10.24
N LYS B 82 -13.17 28.76 9.97
CA LYS B 82 -14.10 28.25 10.97
C LYS B 82 -14.51 26.81 10.74
N ASP B 83 -14.55 26.34 9.50
CA ASP B 83 -14.99 24.98 9.22
C ASP B 83 -14.02 23.97 9.79
N GLU B 84 -14.53 22.96 10.48
CA GLU B 84 -13.69 21.94 11.11
C GLU B 84 -13.89 20.61 10.38
N TYR B 85 -12.78 19.91 10.16
CA TYR B 85 -12.79 18.67 9.40
C TYR B 85 -12.21 17.54 10.22
N ALA B 86 -12.70 16.34 9.96
CA ALA B 86 -12.25 15.16 10.69
C ALA B 86 -12.40 13.94 9.79
N CYS B 87 -11.75 12.87 10.21
CA CYS B 87 -11.88 11.56 9.58
C CYS B 87 -12.38 10.56 10.62
N ARG B 88 -13.31 9.71 10.22
CA ARG B 88 -13.95 8.78 11.14
C ARG B 88 -13.76 7.36 10.63
N VAL B 89 -13.19 6.50 11.46
CA VAL B 89 -12.76 5.19 11.00
C VAL B 89 -13.38 4.12 11.90
N ASN B 90 -13.98 3.10 11.29
CA ASN B 90 -14.46 1.94 12.02
C ASN B 90 -13.77 0.69 11.50
N HIS B 91 -13.36 -0.16 12.43
CA HIS B 91 -12.68 -1.38 12.09
C HIS B 91 -12.94 -2.37 13.22
N VAL B 92 -12.93 -3.66 12.89
CA VAL B 92 -13.23 -4.68 13.89
C VAL B 92 -12.31 -4.62 15.12
N THR B 93 -11.10 -4.03 15.01
CA THR B 93 -10.21 -3.93 16.16
C THR B 93 -10.53 -2.77 17.09
N LEU B 94 -11.45 -1.87 16.71
CA LEU B 94 -11.75 -0.68 17.50
C LEU B 94 -13.04 -0.90 18.30
N SER B 95 -13.03 -0.46 19.57
CA SER B 95 -14.20 -0.66 20.42
C SER B 95 -15.33 0.28 20.04
N GLN B 96 -15.01 1.41 19.42
CA GLN B 96 -16.01 2.29 18.84
C GLN B 96 -15.32 3.08 17.73
N PRO B 97 -16.09 3.70 16.83
CA PRO B 97 -15.47 4.47 15.74
C PRO B 97 -14.48 5.48 16.29
N LYS B 98 -13.35 5.59 15.62
CA LYS B 98 -12.31 6.54 16.01
C LYS B 98 -12.42 7.80 15.14
N ILE B 99 -12.39 8.96 15.77
CA ILE B 99 -12.48 10.24 15.08
C ILE B 99 -11.16 10.98 15.26
N VAL B 100 -10.56 11.36 14.15
CA VAL B 100 -9.28 12.08 14.14
C VAL B 100 -9.54 13.39 13.44
N LYS B 101 -9.33 14.49 14.15
CA LYS B 101 -9.57 15.83 13.65
C LYS B 101 -8.41 16.29 12.77
N TRP B 102 -8.73 17.06 11.72
CA TRP B 102 -7.70 17.60 10.85
C TRP B 102 -7.00 18.74 11.54
N ASP B 103 -5.69 18.60 11.70
CA ASP B 103 -4.84 19.63 12.29
C ASP B 103 -3.94 20.19 11.18
N ARG B 104 -4.12 21.46 10.85
CA ARG B 104 -3.36 22.08 9.76
C ARG B 104 -1.84 22.09 9.98
N ASP B 105 -1.34 21.54 11.09
CA ASP B 105 0.11 21.43 11.33
C ASP B 105 0.55 19.99 11.56
N MET B 106 -0.23 19.04 11.05
CA MET B 106 0.06 17.62 11.10
C MET B 106 -0.27 16.96 9.73
N MET C 1 1.74 -6.66 -17.35
CA MET C 1 1.15 -7.85 -17.94
C MET C 1 1.02 -8.98 -16.91
N TYR C 2 -0.21 -9.45 -16.73
CA TYR C 2 -0.58 -10.46 -15.75
C TYR C 2 0.05 -11.82 -16.05
N VAL C 3 0.16 -12.64 -15.00
CA VAL C 3 0.53 -14.05 -15.16
C VAL C 3 -0.57 -14.76 -15.94
N LYS C 4 -0.19 -15.85 -16.64
CA LYS C 4 -1.10 -16.63 -17.47
C LYS C 4 -1.60 -17.91 -16.80
N TRP C 5 -0.93 -18.43 -15.79
CA TRP C 5 -1.38 -19.64 -15.10
C TRP C 5 -1.37 -19.46 -13.59
N PRO C 6 -2.53 -19.45 -12.94
CA PRO C 6 -2.62 -19.87 -11.54
C PRO C 6 -3.08 -21.31 -11.45
N TRP C 7 -2.74 -21.97 -10.33
CA TRP C 7 -3.23 -23.32 -10.11
C TRP C 7 -3.54 -23.53 -8.63
N TYR C 8 -3.71 -24.79 -8.24
CA TYR C 8 -4.57 -25.13 -7.12
C TYR C 8 -3.77 -25.52 -5.90
N VAL C 9 -4.14 -24.97 -4.74
CA VAL C 9 -3.43 -25.28 -3.52
C VAL C 9 -3.72 -26.74 -3.12
#